data_9GX9
#
_entry.id   9GX9
#
_cell.length_a   47.517
_cell.length_b   68.156
_cell.length_c   135.004
_cell.angle_alpha   90.000
_cell.angle_beta   90.000
_cell.angle_gamma   90.000
#
_symmetry.space_group_name_H-M   'C 2 2 21'
#
loop_
_entity.id
_entity.type
_entity.pdbx_description
1 polymer 'Metallo-beta-lactamase type 2'
2 non-polymer GLYCEROL
3 non-polymer 'ZINC ION'
4 water water
#
_entity_poly.entity_id   1
_entity_poly.type   'polypeptide(L)'
_entity_poly.pdbx_seq_one_letter_code
;GHMSSQHAEKFRAKEIYKSENLIITQISENSFIHTSFKQTNDFGNVPCNGLIVKNNDETIVFDTPTNDKDSEELIQWITG
TLHSKINAVIPTHFHDDSMGGLQAFHNHNIPSYSYSKTIELGKENNFVVPKNSFNNFITLKVGNEEVIAKFFGEGHTRDN
TVGYFPSENILFGGCLLKELEASKGYLGDANVSAWSSTVEKVKKEYPNVKIVIPGHGEYGDKKLLDYTIKLFKTP
;
_entity_poly.pdbx_strand_id   A
#
loop_
_chem_comp.id
_chem_comp.type
_chem_comp.name
_chem_comp.formula
GOL non-polymer GLYCEROL 'C3 H8 O3'
ZN non-polymer 'ZINC ION' 'Zn 2'
#
# COMPACT_ATOMS: atom_id res chain seq x y z
N HIS A 7 -7.80 19.08 -1.61
CA HIS A 7 -7.33 18.63 -0.30
C HIS A 7 -7.51 19.72 0.76
N ALA A 8 -8.20 19.38 1.86
CA ALA A 8 -8.48 20.33 2.92
C ALA A 8 -8.21 19.75 4.30
N GLU A 9 -7.33 18.75 4.40
CA GLU A 9 -7.05 18.12 5.69
C GLU A 9 -6.42 19.12 6.64
N LYS A 10 -6.69 18.93 7.94
CA LYS A 10 -6.04 19.72 8.97
C LYS A 10 -4.52 19.62 8.87
N PHE A 11 -4.01 18.43 8.55
CA PHE A 11 -2.60 18.30 8.21
C PHE A 11 -2.42 18.67 6.74
N ARG A 12 -1.67 19.75 6.49
CA ARG A 12 -1.39 20.22 5.14
C ARG A 12 -0.29 19.35 4.56
N ALA A 13 -0.62 18.62 3.50
CA ALA A 13 0.33 17.68 2.92
C ALA A 13 1.61 18.41 2.50
N LYS A 14 2.75 17.70 2.60
CA LYS A 14 4.03 18.26 2.22
C LYS A 14 4.77 17.26 1.36
N GLU A 15 5.23 17.70 0.20
CA GLU A 15 6.10 16.87 -0.61
C GLU A 15 7.51 17.07 -0.10
N ILE A 16 8.02 16.08 0.64
CA ILE A 16 9.28 16.26 1.36
C ILE A 16 10.45 15.58 0.67
N TYR A 17 10.22 14.83 -0.41
CA TYR A 17 11.31 14.24 -1.16
C TYR A 17 10.83 14.01 -2.58
N LYS A 18 11.70 14.35 -3.54
CA LYS A 18 11.40 14.11 -4.94
C LYS A 18 12.68 13.86 -5.70
N SER A 19 12.82 12.66 -6.24
CA SER A 19 13.83 12.34 -7.23
C SER A 19 13.10 11.92 -8.51
N GLU A 20 13.88 11.59 -9.54
CA GLU A 20 13.29 11.07 -10.77
C GLU A 20 12.52 9.78 -10.55
N ASN A 21 12.80 9.05 -9.47
CA ASN A 21 12.27 7.71 -9.28
C ASN A 21 11.39 7.54 -8.06
N LEU A 22 11.39 8.48 -7.12
CA LEU A 22 10.64 8.30 -5.89
C LEU A 22 10.16 9.66 -5.39
N ILE A 23 8.92 9.70 -4.92
CA ILE A 23 8.33 10.90 -4.32
C ILE A 23 7.76 10.51 -2.96
N ILE A 24 8.08 11.29 -1.93
CA ILE A 24 7.50 11.10 -0.60
C ILE A 24 6.59 12.27 -0.30
N THR A 25 5.33 11.98 0.04
CA THR A 25 4.34 13.00 0.39
C THR A 25 3.85 12.74 1.80
N GLN A 26 4.18 13.65 2.73
CA GLN A 26 3.69 13.53 4.10
C GLN A 26 2.23 13.96 4.15
N ILE A 27 1.37 13.06 4.65
CA ILE A 27 -0.08 13.28 4.64
C ILE A 27 -0.68 13.36 6.04
N SER A 28 0.07 13.05 7.08
CA SER A 28 -0.37 13.23 8.45
C SER A 28 0.88 13.39 9.30
N GLU A 29 0.70 13.58 10.59
CA GLU A 29 1.88 13.84 11.40
C GLU A 29 2.91 12.73 11.27
N ASN A 30 2.44 11.47 11.09
CA ASN A 30 3.35 10.34 11.12
C ASN A 30 3.08 9.34 10.01
N SER A 31 2.56 9.79 8.87
CA SER A 31 2.40 8.91 7.73
C SER A 31 2.72 9.63 6.43
N PHE A 32 3.14 8.85 5.45
CA PHE A 32 3.75 9.34 4.23
C PHE A 32 3.40 8.38 3.11
N ILE A 33 3.02 8.93 1.97
CA ILE A 33 2.84 8.16 0.75
C ILE A 33 4.18 8.07 0.05
N HIS A 34 4.58 6.84 -0.35
CA HIS A 34 5.70 6.68 -1.27
C HIS A 34 5.16 6.42 -2.67
N THR A 35 5.65 7.17 -3.63
CA THR A 35 5.21 7.02 -5.02
C THR A 35 6.43 6.73 -5.88
N SER A 36 6.36 5.66 -6.66
CA SER A 36 7.42 5.25 -7.58
C SER A 36 6.73 4.86 -8.88
N PHE A 37 7.50 4.39 -9.85
CA PHE A 37 6.95 4.17 -11.18
C PHE A 37 7.14 2.77 -11.69
N LYS A 38 6.12 2.30 -12.40
CA LYS A 38 6.17 1.03 -13.11
C LYS A 38 6.32 1.32 -14.60
N GLN A 39 7.33 0.71 -15.21
CA GLN A 39 7.56 0.86 -16.66
C GLN A 39 6.64 -0.11 -17.40
N THR A 40 5.95 0.35 -18.45
N THR A 40 5.77 0.45 -18.20
CA THR A 40 4.85 -0.47 -19.01
CA THR A 40 4.90 -0.30 -19.10
C THR A 40 4.68 -0.50 -20.54
C THR A 40 5.35 0.03 -20.51
N ASN A 41 5.68 -1.00 -21.28
CA ASN A 41 5.85 -0.82 -22.72
C ASN A 41 4.73 -0.22 -23.58
N ASP A 42 3.75 0.44 -22.98
CA ASP A 42 2.54 0.94 -23.64
C ASP A 42 2.28 2.40 -23.32
N PHE A 43 2.45 2.81 -22.06
CA PHE A 43 2.18 4.17 -21.60
C PHE A 43 3.32 4.72 -20.76
N GLY A 44 4.52 4.19 -20.94
CA GLY A 44 5.65 4.71 -20.21
C GLY A 44 5.52 4.43 -18.72
N ASN A 45 6.08 5.33 -17.93
CA ASN A 45 6.12 5.14 -16.48
C ASN A 45 4.81 5.57 -15.86
N VAL A 46 4.23 4.69 -15.05
CA VAL A 46 2.96 5.01 -14.39
C VAL A 46 3.17 4.98 -12.88
N PRO A 47 2.58 5.92 -12.13
CA PRO A 47 2.88 6.00 -10.70
C PRO A 47 2.15 4.94 -9.90
N CYS A 48 2.82 4.53 -8.83
CA CYS A 48 2.36 3.46 -7.95
C CYS A 48 2.62 3.90 -6.51
N ASN A 49 1.64 3.70 -5.62
CA ASN A 49 1.74 4.20 -4.26
C ASN A 49 1.95 3.10 -3.21
N GLY A 50 2.60 3.49 -2.12
CA GLY A 50 2.60 2.77 -0.87
C GLY A 50 2.49 3.73 0.28
N LEU A 51 2.56 3.20 1.51
CA LEU A 51 2.40 3.97 2.72
C LEU A 51 3.52 3.67 3.68
N ILE A 52 4.07 4.71 4.28
CA ILE A 52 5.00 4.61 5.40
C ILE A 52 4.28 5.15 6.63
N VAL A 53 4.27 4.38 7.71
CA VAL A 53 3.79 4.87 9.00
C VAL A 53 4.95 4.86 9.98
N LYS A 54 4.90 5.75 10.95
CA LYS A 54 6.04 6.01 11.80
C LYS A 54 5.59 6.31 13.21
N ASN A 55 6.37 5.83 14.17
CA ASN A 55 6.24 6.30 15.54
C ASN A 55 7.62 6.27 16.14
N ASN A 56 8.04 7.40 16.69
CA ASN A 56 9.40 7.59 17.18
C ASN A 56 10.33 7.17 16.04
N ASP A 57 11.29 6.29 16.27
CA ASP A 57 12.30 5.97 15.28
C ASP A 57 12.02 4.64 14.61
N GLU A 58 10.76 4.28 14.46
CA GLU A 58 10.34 3.02 13.86
C GLU A 58 9.29 3.30 12.80
N THR A 59 9.36 2.52 11.71
CA THR A 59 8.40 2.64 10.63
C THR A 59 7.92 1.27 10.22
N ILE A 60 6.78 1.23 9.55
CA ILE A 60 6.30 0.09 8.80
C ILE A 60 5.91 0.60 7.42
N VAL A 61 6.24 -0.19 6.40
CA VAL A 61 6.00 0.16 5.01
C VAL A 61 4.98 -0.80 4.43
N PHE A 62 3.93 -0.24 3.84
CA PHE A 62 3.02 -1.00 3.00
C PHE A 62 3.43 -0.80 1.54
N ASP A 63 3.58 -1.92 0.84
CA ASP A 63 3.97 -2.00 -0.57
C ASP A 63 5.44 -1.69 -0.80
N THR A 64 6.04 -2.43 -1.72
CA THR A 64 7.31 -2.07 -2.30
C THR A 64 7.11 -1.39 -3.65
N PRO A 65 8.09 -0.62 -4.10
CA PRO A 65 8.20 -0.30 -5.54
C PRO A 65 8.31 -1.58 -6.37
N THR A 66 8.28 -1.41 -7.70
CA THR A 66 8.28 -2.57 -8.58
C THR A 66 9.62 -3.27 -8.67
N ASN A 67 10.69 -2.67 -8.16
CA ASN A 67 12.03 -3.13 -8.46
C ASN A 67 12.98 -2.82 -7.30
N ASP A 68 14.06 -3.58 -7.25
CA ASP A 68 15.00 -3.51 -6.13
C ASP A 68 15.69 -2.15 -6.05
N LYS A 69 16.01 -1.54 -7.20
CA LYS A 69 16.70 -0.25 -7.18
C LYS A 69 15.84 0.80 -6.46
N ASP A 70 14.58 0.93 -6.86
CA ASP A 70 13.71 1.92 -6.22
C ASP A 70 13.44 1.55 -4.77
N SER A 71 13.35 0.26 -4.46
CA SER A 71 13.21 -0.13 -3.06
C SER A 71 14.42 0.31 -2.24
N GLU A 72 15.63 0.13 -2.79
CA GLU A 72 16.84 0.60 -2.10
C GLU A 72 16.79 2.12 -1.86
N GLU A 73 16.37 2.89 -2.87
CA GLU A 73 16.25 4.34 -2.66
C GLU A 73 15.28 4.64 -1.52
N LEU A 74 14.16 3.91 -1.48
CA LEU A 74 13.17 4.11 -0.42
C LEU A 74 13.74 3.74 0.95
N ILE A 75 14.39 2.58 1.04
CA ILE A 75 14.96 2.12 2.31
C ILE A 75 16.01 3.10 2.80
N GLN A 76 16.91 3.53 1.91
CA GLN A 76 17.94 4.47 2.32
C GLN A 76 17.34 5.82 2.70
N TRP A 77 16.24 6.23 2.05
CA TRP A 77 15.58 7.45 2.48
C TRP A 77 15.03 7.31 3.90
N ILE A 78 14.33 6.21 4.19
CA ILE A 78 13.77 6.02 5.52
C ILE A 78 14.88 5.97 6.57
N THR A 79 15.90 5.16 6.33
CA THR A 79 16.94 4.99 7.35
C THR A 79 17.83 6.23 7.44
N GLY A 80 18.07 6.91 6.32
CA GLY A 80 19.05 7.98 6.27
C GLY A 80 18.49 9.36 6.52
N THR A 81 17.24 9.59 6.16
CA THR A 81 16.59 10.89 6.31
C THR A 81 15.50 10.91 7.35
N LEU A 82 14.64 9.88 7.42
CA LEU A 82 13.74 9.74 8.55
C LEU A 82 14.45 9.18 9.78
N HIS A 83 15.70 8.72 9.63
CA HIS A 83 16.50 8.21 10.73
C HIS A 83 15.73 7.17 11.55
N SER A 84 15.00 6.29 10.85
CA SER A 84 14.19 5.28 11.52
C SER A 84 14.52 3.89 11.01
N LYS A 85 14.31 2.90 11.88
CA LYS A 85 14.38 1.52 11.43
C LYS A 85 13.07 1.15 10.74
N ILE A 86 13.11 0.07 9.96
CA ILE A 86 11.94 -0.44 9.26
C ILE A 86 11.58 -1.75 9.92
N ASN A 87 10.49 -1.74 10.71
CA ASN A 87 10.12 -2.92 11.46
C ASN A 87 9.56 -4.00 10.55
N ALA A 88 8.90 -3.60 9.46
CA ALA A 88 8.22 -4.57 8.61
C ALA A 88 7.89 -3.92 7.27
N VAL A 89 7.78 -4.77 6.26
CA VAL A 89 7.23 -4.40 4.96
C VAL A 89 6.09 -5.35 4.67
N ILE A 90 5.01 -4.81 4.12
CA ILE A 90 3.75 -5.54 3.96
C ILE A 90 3.27 -5.28 2.53
N PRO A 91 3.60 -6.16 1.60
CA PRO A 91 3.00 -6.08 0.26
C PRO A 91 1.50 -6.37 0.34
N THR A 92 0.69 -5.49 -0.24
CA THR A 92 -0.76 -5.66 -0.16
C THR A 92 -1.33 -6.56 -1.23
N HIS A 93 -0.57 -6.89 -2.27
CA HIS A 93 -0.94 -7.95 -3.20
C HIS A 93 0.31 -8.40 -3.96
N PHE A 94 0.16 -9.45 -4.77
CA PHE A 94 1.31 -10.11 -5.35
C PHE A 94 1.86 -9.44 -6.59
N HIS A 95 1.13 -8.51 -7.20
CA HIS A 95 1.63 -7.85 -8.40
C HIS A 95 2.89 -7.05 -8.11
N ASP A 96 3.66 -6.79 -9.18
CA ASP A 96 4.94 -6.10 -9.01
C ASP A 96 4.82 -4.71 -8.38
N ASP A 97 3.71 -4.00 -8.59
CA ASP A 97 3.60 -2.67 -8.01
C ASP A 97 3.28 -2.69 -6.52
N SER A 98 3.16 -3.86 -5.93
CA SER A 98 3.13 -3.99 -4.48
C SER A 98 4.26 -4.82 -3.91
N MET A 99 4.90 -5.65 -4.73
CA MET A 99 5.81 -6.69 -4.23
C MET A 99 7.07 -6.87 -5.07
N GLY A 100 7.19 -6.19 -6.23
CA GLY A 100 8.25 -6.49 -7.16
C GLY A 100 9.64 -6.26 -6.62
N GLY A 101 9.78 -5.30 -5.72
CA GLY A 101 11.06 -4.97 -5.14
C GLY A 101 11.31 -5.55 -3.76
N LEU A 102 10.63 -6.66 -3.45
CA LEU A 102 10.75 -7.23 -2.12
C LEU A 102 12.15 -7.75 -1.81
N GLN A 103 12.88 -8.24 -2.81
CA GLN A 103 14.21 -8.78 -2.50
C GLN A 103 15.09 -7.75 -1.81
N ALA A 104 15.02 -6.48 -2.22
CA ALA A 104 15.83 -5.46 -1.57
C ALA A 104 15.53 -5.39 -0.07
N PHE A 105 14.25 -5.48 0.30
CA PHE A 105 13.92 -5.47 1.73
C PHE A 105 14.49 -6.69 2.43
N HIS A 106 14.41 -7.86 1.80
CA HIS A 106 15.01 -9.06 2.37
C HIS A 106 16.52 -8.92 2.48
N ASN A 107 17.16 -8.23 1.53
CA ASN A 107 18.60 -8.04 1.62
C ASN A 107 18.99 -7.20 2.84
N HIS A 108 18.07 -6.38 3.36
CA HIS A 108 18.27 -5.63 4.59
C HIS A 108 17.74 -6.35 5.82
N ASN A 109 17.31 -7.61 5.68
CA ASN A 109 16.76 -8.39 6.79
C ASN A 109 15.54 -7.73 7.41
N ILE A 110 14.73 -7.07 6.59
CA ILE A 110 13.50 -6.45 7.04
C ILE A 110 12.40 -7.50 7.00
N PRO A 111 11.75 -7.81 8.12
CA PRO A 111 10.64 -8.77 8.11
C PRO A 111 9.54 -8.37 7.13
N SER A 112 9.06 -9.35 6.38
CA SER A 112 8.01 -9.15 5.39
C SER A 112 6.80 -10.01 5.75
N TYR A 113 5.61 -9.43 5.55
CA TYR A 113 4.35 -10.08 5.89
C TYR A 113 3.34 -9.85 4.78
N SER A 114 2.56 -10.87 4.47
CA SER A 114 1.41 -10.68 3.60
C SER A 114 0.33 -11.69 3.94
N TYR A 115 -0.85 -11.46 3.40
CA TYR A 115 -1.90 -12.47 3.42
C TYR A 115 -1.36 -13.76 2.84
N SER A 116 -1.84 -14.88 3.39
CA SER A 116 -1.38 -16.19 2.89
C SER A 116 -1.57 -16.33 1.39
N LYS A 117 -2.64 -15.77 0.84
CA LYS A 117 -2.89 -15.94 -0.59
C LYS A 117 -1.89 -15.14 -1.43
N THR A 118 -1.32 -14.08 -0.89
CA THR A 118 -0.30 -13.33 -1.60
C THR A 118 0.93 -14.20 -1.82
N ILE A 119 1.30 -14.99 -0.80
CA ILE A 119 2.42 -15.92 -0.92
C ILE A 119 2.11 -16.98 -1.97
N GLU A 120 0.89 -17.53 -1.92
CA GLU A 120 0.51 -18.56 -2.88
C GLU A 120 0.58 -18.02 -4.31
N LEU A 121 -0.05 -16.87 -4.57
CA LEU A 121 -0.07 -16.35 -5.93
C LEU A 121 1.31 -15.86 -6.37
N GLY A 122 2.10 -15.32 -5.46
CA GLY A 122 3.47 -14.98 -5.79
C GLY A 122 4.28 -16.18 -6.25
N LYS A 123 4.19 -17.27 -5.49
CA LYS A 123 4.92 -18.48 -5.88
C LYS A 123 4.44 -19.02 -7.22
N GLU A 124 3.12 -18.96 -7.48
CA GLU A 124 2.61 -19.41 -8.76
C GLU A 124 3.27 -18.67 -9.91
N ASN A 125 3.66 -17.42 -9.68
CA ASN A 125 4.28 -16.58 -10.69
C ASN A 125 5.80 -16.52 -10.53
N ASN A 126 6.36 -17.37 -9.67
CA ASN A 126 7.81 -17.39 -9.41
C ASN A 126 8.32 -15.99 -9.06
N PHE A 127 7.56 -15.30 -8.21
CA PHE A 127 7.96 -14.04 -7.64
C PHE A 127 8.53 -14.28 -6.25
N VAL A 128 9.44 -13.40 -5.82
CA VAL A 128 9.87 -13.39 -4.43
C VAL A 128 8.68 -13.04 -3.55
N VAL A 129 8.50 -13.78 -2.45
CA VAL A 129 7.32 -13.63 -1.61
C VAL A 129 7.74 -13.32 -0.17
N PRO A 130 6.83 -12.76 0.63
CA PRO A 130 7.14 -12.50 2.04
C PRO A 130 7.44 -13.77 2.81
N LYS A 131 8.18 -13.57 3.90
CA LYS A 131 8.65 -14.68 4.73
C LYS A 131 7.68 -15.05 5.84
N ASN A 132 6.75 -14.16 6.15
CA ASN A 132 5.73 -14.40 7.17
C ASN A 132 4.37 -14.15 6.54
N SER A 133 3.36 -14.87 7.02
CA SER A 133 2.03 -14.75 6.46
C SER A 133 0.98 -14.73 7.56
N PHE A 134 -0.19 -14.22 7.21
CA PHE A 134 -1.31 -14.20 8.12
C PHE A 134 -2.58 -14.49 7.35
N ASN A 135 -3.58 -14.86 8.12
CA ASN A 135 -4.90 -15.11 7.57
C ASN A 135 -5.82 -14.93 8.76
N ASN A 136 -6.62 -13.84 8.80
CA ASN A 136 -6.84 -12.89 7.76
C ASN A 136 -6.57 -11.42 8.20
N PHE A 137 -6.09 -11.21 9.42
CA PHE A 137 -5.48 -9.94 9.77
C PHE A 137 -4.28 -10.14 10.69
N ILE A 138 -3.43 -9.13 10.73
N ILE A 138 -3.40 -9.15 10.69
CA ILE A 138 -2.35 -9.00 11.69
CA ILE A 138 -2.40 -8.99 11.72
C ILE A 138 -2.30 -7.55 12.14
C ILE A 138 -2.44 -7.54 12.20
N THR A 139 -1.95 -7.33 13.41
CA THR A 139 -1.60 -6.01 13.91
C THR A 139 -0.14 -6.06 14.29
N LEU A 140 0.62 -5.07 13.84
CA LEU A 140 2.05 -5.01 14.06
C LEU A 140 2.39 -3.71 14.77
N LYS A 141 3.34 -3.79 15.68
CA LYS A 141 3.76 -2.66 16.47
C LYS A 141 4.74 -1.78 15.69
N VAL A 142 4.53 -0.47 15.80
CA VAL A 142 5.46 0.53 15.31
C VAL A 142 5.62 1.55 16.44
N GLY A 143 6.80 1.58 17.05
CA GLY A 143 6.92 2.35 18.28
C GLY A 143 5.88 1.92 19.29
N ASN A 144 5.18 2.90 19.85
CA ASN A 144 4.11 2.65 20.80
C ASN A 144 2.74 2.60 20.15
N GLU A 145 2.67 2.56 18.83
CA GLU A 145 1.42 2.48 18.10
C GLU A 145 1.43 1.20 17.30
N GLU A 146 0.36 0.99 16.54
CA GLU A 146 0.27 -0.21 15.73
C GLU A 146 -0.39 0.10 14.40
N VAL A 147 -0.27 -0.87 13.51
CA VAL A 147 -0.87 -0.83 12.19
C VAL A 147 -1.63 -2.13 12.05
N ILE A 148 -2.69 -2.09 11.26
CA ILE A 148 -3.49 -3.25 10.92
C ILE A 148 -3.28 -3.54 9.44
N ALA A 149 -3.10 -4.81 9.12
CA ALA A 149 -3.16 -5.29 7.75
C ALA A 149 -4.23 -6.36 7.69
N LYS A 150 -5.19 -6.22 6.76
CA LYS A 150 -6.38 -7.07 6.82
C LYS A 150 -6.92 -7.38 5.43
N PHE A 151 -7.34 -8.63 5.27
CA PHE A 151 -8.06 -9.10 4.09
C PHE A 151 -9.56 -9.02 4.34
N PHE A 152 -10.26 -8.28 3.47
CA PHE A 152 -11.69 -8.08 3.56
C PHE A 152 -12.45 -8.79 2.44
N GLY A 153 -11.76 -9.43 1.50
CA GLY A 153 -12.39 -10.04 0.35
C GLY A 153 -11.66 -9.72 -0.94
N GLU A 154 -12.12 -10.39 -1.99
CA GLU A 154 -11.51 -10.29 -3.30
C GLU A 154 -11.96 -9.04 -4.03
N GLY A 155 -11.12 -8.57 -4.93
CA GLY A 155 -11.46 -7.43 -5.73
C GLY A 155 -10.50 -7.28 -6.90
N HIS A 156 -9.59 -6.31 -6.77
CA HIS A 156 -8.57 -6.14 -7.79
C HIS A 156 -7.79 -7.43 -8.02
N THR A 157 -7.47 -8.13 -6.95
CA THR A 157 -6.95 -9.49 -7.00
C THR A 157 -7.64 -10.28 -5.89
N ARG A 158 -7.37 -11.57 -5.86
CA ARG A 158 -7.96 -12.45 -4.86
C ARG A 158 -7.20 -12.41 -3.54
N ASP A 159 -6.05 -11.76 -3.48
CA ASP A 159 -5.26 -11.67 -2.27
C ASP A 159 -5.14 -10.26 -1.71
N ASN A 160 -5.80 -9.28 -2.32
CA ASN A 160 -5.52 -7.89 -1.95
C ASN A 160 -5.93 -7.59 -0.50
N THR A 161 -5.02 -6.92 0.22
CA THR A 161 -5.25 -6.52 1.59
C THR A 161 -5.14 -5.00 1.71
N VAL A 162 -5.65 -4.48 2.82
CA VAL A 162 -5.57 -3.05 3.10
C VAL A 162 -4.78 -2.86 4.38
N GLY A 163 -4.23 -1.65 4.54
CA GLY A 163 -3.55 -1.25 5.76
C GLY A 163 -4.29 -0.11 6.44
N TYR A 164 -4.32 -0.15 7.78
CA TYR A 164 -4.95 0.93 8.54
C TYR A 164 -4.04 1.33 9.68
N PHE A 165 -3.87 2.64 9.84
CA PHE A 165 -3.05 3.24 10.88
C PHE A 165 -4.06 3.97 11.78
N PRO A 166 -4.58 3.32 12.82
CA PRO A 166 -5.75 3.89 13.51
C PRO A 166 -5.47 5.21 14.23
N SER A 167 -4.25 5.43 14.71
CA SER A 167 -3.96 6.63 15.48
C SER A 167 -4.17 7.91 14.67
N GLU A 168 -4.07 7.81 13.34
CA GLU A 168 -4.25 8.97 12.46
C GLU A 168 -5.30 8.69 11.39
N ASN A 169 -6.02 7.57 11.51
CA ASN A 169 -7.14 7.25 10.64
C ASN A 169 -6.76 7.29 9.17
N ILE A 170 -5.64 6.62 8.86
CA ILE A 170 -5.10 6.52 7.51
C ILE A 170 -5.35 5.13 6.99
N LEU A 171 -6.00 5.04 5.82
CA LEU A 171 -6.25 3.79 5.14
C LEU A 171 -5.41 3.73 3.87
N PHE A 172 -4.54 2.72 3.81
CA PHE A 172 -3.87 2.39 2.56
C PHE A 172 -4.71 1.32 1.88
N GLY A 173 -5.45 1.72 0.83
CA GLY A 173 -6.34 0.79 0.16
C GLY A 173 -5.66 -0.13 -0.83
N GLY A 174 -4.43 0.20 -1.23
CA GLY A 174 -3.81 -0.56 -2.28
C GLY A 174 -4.63 -0.50 -3.56
N CYS A 175 -4.40 -1.48 -4.43
CA CYS A 175 -5.04 -1.46 -5.74
C CYS A 175 -6.51 -1.86 -5.70
N CSO A 175 -4.40 -1.49 -4.42
CA CSO A 175 -5.03 -1.54 -5.73
CB CSO A 175 -4.32 -2.58 -6.61
SG CSO A 175 -2.76 -1.87 -7.15
C CSO A 175 -6.52 -1.84 -5.68
O CSO A 175 -7.23 -1.67 -6.68
OD CSO A 175 -3.08 -0.19 -7.56
HA CSO A 175 -4.96 -0.65 -6.13
HB2 CSO A 175 -4.86 -2.79 -7.38
HB3 CSO A 175 -4.14 -3.38 -6.09
N LEU A 176 -7.00 -2.30 -4.55
CA LEU A 176 -8.42 -2.44 -4.32
C LEU A 176 -9.14 -1.10 -4.36
N LEU A 177 -8.43 -0.01 -4.06
CA LEU A 177 -9.03 1.31 -4.06
C LEU A 177 -8.59 2.09 -5.27
N LYS A 178 -9.53 2.79 -5.88
CA LYS A 178 -9.30 3.63 -7.05
C LYS A 178 -9.35 5.09 -6.66
N GLU A 179 -8.55 5.89 -7.34
CA GLU A 179 -8.67 7.34 -7.21
C GLU A 179 -9.98 7.80 -7.85
N LEU A 180 -10.44 8.98 -7.46
CA LEU A 180 -11.68 9.52 -8.02
C LEU A 180 -11.61 9.55 -9.54
N GLU A 181 -12.70 9.12 -10.19
CA GLU A 181 -12.86 9.14 -11.64
C GLU A 181 -11.94 8.16 -12.37
N ALA A 182 -11.27 7.26 -11.65
CA ALA A 182 -10.38 6.32 -12.30
C ALA A 182 -11.17 5.30 -13.12
N SER A 183 -10.53 4.78 -14.16
CA SER A 183 -11.08 3.63 -14.88
C SER A 183 -10.89 2.36 -14.03
N LYS A 184 -11.52 1.26 -14.47
CA LYS A 184 -11.45 0.02 -13.71
C LYS A 184 -10.06 -0.59 -13.68
N GLY A 185 -9.20 -0.20 -14.59
CA GLY A 185 -7.81 -0.65 -14.54
C GLY A 185 -7.65 -2.07 -15.02
N TYR A 186 -6.52 -2.66 -14.64
CA TYR A 186 -6.22 -4.02 -15.06
C TYR A 186 -7.10 -5.01 -14.31
N LEU A 187 -7.89 -5.78 -15.06
CA LEU A 187 -8.84 -6.73 -14.51
C LEU A 187 -8.43 -8.18 -14.73
N GLY A 188 -7.23 -8.42 -15.24
CA GLY A 188 -6.85 -9.77 -15.61
C GLY A 188 -6.87 -10.78 -14.47
N ASP A 189 -6.67 -10.30 -13.23
CA ASP A 189 -6.63 -11.13 -12.04
C ASP A 189 -7.78 -10.78 -11.07
N ALA A 190 -8.76 -10.03 -11.52
CA ALA A 190 -9.75 -9.45 -10.63
C ALA A 190 -10.97 -10.35 -10.47
N ASN A 191 -11.65 -10.18 -9.33
CA ASN A 191 -13.00 -10.68 -9.12
C ASN A 191 -13.91 -9.45 -9.07
N VAL A 192 -14.43 -9.06 -10.23
CA VAL A 192 -15.25 -7.84 -10.29
C VAL A 192 -16.59 -8.08 -9.62
N SER A 193 -17.01 -9.33 -9.47
CA SER A 193 -18.29 -9.60 -8.84
C SER A 193 -18.27 -9.30 -7.35
N ALA A 194 -17.12 -9.48 -6.69
CA ALA A 194 -17.01 -9.29 -5.25
C ALA A 194 -16.49 -7.91 -4.85
N TRP A 195 -15.94 -7.16 -5.80
CA TRP A 195 -15.16 -5.97 -5.50
C TRP A 195 -15.94 -4.94 -4.71
N SER A 196 -17.15 -4.60 -5.16
CA SER A 196 -17.91 -3.58 -4.45
C SER A 196 -18.19 -4.02 -3.01
N SER A 197 -18.61 -5.27 -2.83
CA SER A 197 -18.93 -5.77 -1.50
C SER A 197 -17.70 -5.74 -0.59
N THR A 198 -16.53 -6.06 -1.15
CA THR A 198 -15.30 -6.01 -0.38
C THR A 198 -15.03 -4.60 0.10
N VAL A 199 -15.17 -3.62 -0.80
CA VAL A 199 -14.89 -2.25 -0.39
C VAL A 199 -15.96 -1.73 0.57
N GLU A 200 -17.22 -2.17 0.40
CA GLU A 200 -18.24 -1.86 1.40
C GLU A 200 -17.81 -2.34 2.78
N LYS A 201 -17.22 -3.54 2.85
CA LYS A 201 -16.78 -4.05 4.15
C LYS A 201 -15.66 -3.19 4.71
N VAL A 202 -14.72 -2.76 3.88
CA VAL A 202 -13.66 -1.86 4.32
C VAL A 202 -14.25 -0.58 4.88
N LYS A 203 -15.15 0.04 4.11
CA LYS A 203 -15.79 1.29 4.53
C LYS A 203 -16.50 1.13 5.87
N LYS A 204 -17.21 0.02 6.06
CA LYS A 204 -17.92 -0.22 7.32
C LYS A 204 -16.94 -0.37 8.47
N GLU A 205 -15.79 -0.99 8.22
CA GLU A 205 -14.86 -1.26 9.31
C GLU A 205 -14.16 0.00 9.79
N TYR A 206 -13.95 0.98 8.90
CA TYR A 206 -13.14 2.17 9.21
C TYR A 206 -13.94 3.45 8.99
N PRO A 207 -15.04 3.61 9.72
CA PRO A 207 -15.91 4.78 9.48
C PRO A 207 -15.27 6.11 9.79
N ASN A 208 -14.25 6.15 10.63
CA ASN A 208 -13.58 7.38 11.01
C ASN A 208 -12.40 7.73 10.11
N VAL A 209 -12.28 7.04 8.98
CA VAL A 209 -11.15 7.27 8.08
C VAL A 209 -11.08 8.73 7.67
N LYS A 210 -9.86 9.26 7.67
CA LYS A 210 -9.58 10.62 7.23
C LYS A 210 -8.97 10.67 5.84
N ILE A 211 -8.05 9.76 5.54
CA ILE A 211 -7.36 9.71 4.26
C ILE A 211 -7.42 8.31 3.71
N VAL A 212 -7.76 8.18 2.43
CA VAL A 212 -7.76 6.93 1.71
C VAL A 212 -6.74 7.04 0.59
N ILE A 213 -5.81 6.10 0.55
CA ILE A 213 -4.73 6.11 -0.45
C ILE A 213 -4.98 4.98 -1.44
N PRO A 214 -5.17 5.30 -2.72
CA PRO A 214 -5.31 4.23 -3.72
C PRO A 214 -3.95 3.71 -4.15
N GLY A 215 -3.96 2.54 -4.79
CA GLY A 215 -2.72 1.97 -5.31
C GLY A 215 -2.07 2.80 -6.40
N HIS A 216 -2.87 3.53 -7.16
CA HIS A 216 -2.38 4.41 -8.22
C HIS A 216 -3.14 5.73 -8.15
N GLY A 217 -2.42 6.83 -8.23
CA GLY A 217 -3.09 8.09 -8.41
C GLY A 217 -3.23 8.86 -7.11
N GLU A 218 -4.20 9.76 -7.10
CA GLU A 218 -4.31 10.77 -6.06
C GLU A 218 -5.10 10.26 -4.86
N TYR A 219 -4.53 10.44 -3.66
CA TYR A 219 -5.23 10.11 -2.42
C TYR A 219 -6.37 11.10 -2.20
N GLY A 220 -7.26 10.76 -1.29
CA GLY A 220 -8.35 11.63 -0.91
C GLY A 220 -8.91 11.22 0.41
N ASP A 221 -10.21 11.45 0.60
CA ASP A 221 -10.90 11.09 1.82
C ASP A 221 -11.82 9.91 1.54
N LYS A 222 -12.85 9.74 2.38
CA LYS A 222 -13.72 8.58 2.25
C LYS A 222 -14.39 8.51 0.87
N LYS A 223 -14.41 9.61 0.12
CA LYS A 223 -15.05 9.59 -1.20
C LYS A 223 -14.43 8.55 -2.13
N LEU A 224 -13.16 8.19 -1.92
CA LEU A 224 -12.57 7.17 -2.77
C LEU A 224 -13.21 5.82 -2.52
N LEU A 225 -13.60 5.54 -1.27
CA LEU A 225 -14.33 4.30 -1.01
C LEU A 225 -15.65 4.31 -1.75
N ASP A 226 -16.42 5.39 -1.61
CA ASP A 226 -17.72 5.48 -2.25
C ASP A 226 -17.58 5.38 -3.77
N TYR A 227 -16.59 6.07 -4.32
CA TYR A 227 -16.37 6.00 -5.76
C TYR A 227 -16.07 4.58 -6.21
N THR A 228 -15.15 3.88 -5.51
CA THR A 228 -14.77 2.54 -5.92
C THR A 228 -15.94 1.56 -5.80
N ILE A 229 -16.71 1.68 -4.73
CA ILE A 229 -17.92 0.86 -4.59
C ILE A 229 -18.83 1.07 -5.78
N LYS A 230 -19.11 2.32 -6.11
CA LYS A 230 -20.06 2.61 -7.18
C LYS A 230 -19.53 2.12 -8.53
N LEU A 231 -18.23 2.29 -8.76
CA LEU A 231 -17.63 1.90 -10.02
C LEU A 231 -17.87 0.43 -10.32
N PHE A 232 -17.81 -0.44 -9.31
CA PHE A 232 -17.87 -1.87 -9.53
C PHE A 232 -19.24 -2.46 -9.25
N LYS A 233 -20.25 -1.64 -8.99
CA LYS A 233 -21.60 -2.17 -8.80
C LYS A 233 -22.21 -2.57 -10.14
C1 GOL B . 1.54 11.99 -4.84
O1 GOL B . 1.83 13.02 -5.78
C2 GOL B . 0.00 11.73 -4.85
O2 GOL B . -0.51 11.64 -6.17
C3 GOL B . -0.17 10.39 -4.03
O3 GOL B . -1.54 10.00 -4.01
H11 GOL B . 1.80 12.22 -3.94
H12 GOL B . 1.99 11.16 -5.04
HO1 GOL B . 1.13 13.17 -6.23
H2 GOL B . -0.50 12.46 -4.45
HO2 GOL B . -0.36 10.85 -6.45
H31 GOL B . 0.20 10.55 -3.14
H32 GOL B . 0.41 9.72 -4.43
ZN ZN C . -2.35 -5.08 -9.08
ZN ZN D . -1.95 -1.69 -8.91
#